data_5KHJ
#
_entry.id   5KHJ
#
_cell.length_a   46.486
_cell.length_b   89.925
_cell.length_c   98.421
_cell.angle_alpha   90.000
_cell.angle_beta   90.000
_cell.angle_gamma   90.000
#
_symmetry.space_group_name_H-M   'P 2 21 21'
#
loop_
_entity.id
_entity.type
_entity.pdbx_description
1 polymer 'Potassium/sodium hyperpolarization-activated cyclic nucleotide-gated channel 2'
2 non-polymer "Uridine-3',5'-cyclic monophosphate"
3 water water
#
_entity_poly.entity_id   1
_entity_poly.type   'polypeptide(L)'
_entity_poly.pdbx_seq_one_letter_code
;SNADSSRRQYQEKYKQVEQYMSFHKLPADFRQKIHDYYEHRYQGKMFDEDSILGELNGPLREEIVNFNCRKLVASMPLFA
NADPNFVTAMLTKLKFEVFQPGDYIIREGTIGKKMYFIQHGVVSVLTKGNKEMKLSDGSYFGEICLLTRGRRTASVRADT
YCRLYSLSVDNFNEVLEEYPMMRRAFETVAIDRLDRIGKKNSIL
;
_entity_poly.pdbx_strand_id   A,B
#
loop_
_chem_comp.id
_chem_comp.type
_chem_comp.name
_chem_comp.formula
6SY non-polymer 'Uridine-3',5'-cyclic monophosphate' 'C9 H11 N2 O8 P'
#
# COMPACT_ATOMS: atom_id res chain seq x y z
N ASP A 4 -10.67 -0.54 23.34
CA ASP A 4 -10.27 0.09 24.66
C ASP A 4 -9.93 1.60 24.49
N SER A 5 -8.68 1.89 24.11
CA SER A 5 -8.32 3.22 23.67
C SER A 5 -9.00 3.49 22.31
N SER A 6 -9.31 2.45 21.51
CA SER A 6 -9.95 2.68 20.20
CA SER A 6 -9.96 2.67 20.21
C SER A 6 -11.45 3.00 20.35
N ARG A 7 -12.06 2.53 21.45
CA ARG A 7 -13.44 2.84 21.78
C ARG A 7 -13.50 4.25 22.29
N ARG A 8 -12.58 4.55 23.20
CA ARG A 8 -12.32 5.92 23.73
C ARG A 8 -11.91 6.95 22.68
N GLN A 9 -11.12 6.53 21.70
CA GLN A 9 -10.79 7.39 20.55
C GLN A 9 -12.05 7.77 19.73
N TYR A 10 -12.92 6.80 19.45
CA TYR A 10 -14.26 7.06 18.91
C TYR A 10 -15.07 8.07 19.75
N GLN A 11 -15.10 7.85 21.06
CA GLN A 11 -15.87 8.69 21.97
C GLN A 11 -15.31 10.11 21.89
N GLU A 12 -14.00 10.26 22.01
CA GLU A 12 -13.35 11.58 22.07
C GLU A 12 -13.53 12.31 20.77
N LYS A 13 -13.33 11.58 19.66
CA LYS A 13 -13.51 12.15 18.33
C LYS A 13 -14.95 12.60 18.09
N TYR A 14 -15.92 11.77 18.48
CA TYR A 14 -17.30 12.14 18.23
C TYR A 14 -17.70 13.39 19.09
N LYS A 15 -17.24 13.49 20.32
CA LYS A 15 -17.43 14.73 21.07
C LYS A 15 -16.86 15.90 20.31
N GLN A 16 -15.72 15.71 19.64
CA GLN A 16 -15.10 16.86 18.97
C GLN A 16 -15.94 17.29 17.77
N VAL A 17 -16.55 16.32 17.10
CA VAL A 17 -17.46 16.57 16.01
C VAL A 17 -18.70 17.31 16.49
N GLU A 18 -19.24 16.90 17.63
CA GLU A 18 -20.38 17.58 18.26
C GLU A 18 -20.09 19.06 18.54
N GLN A 19 -18.88 19.32 19.00
CA GLN A 19 -18.42 20.67 19.39
C GLN A 19 -18.31 21.59 18.12
N TYR A 20 -17.87 20.96 17.04
CA TYR A 20 -17.63 21.58 15.76
C TYR A 20 -18.95 21.96 15.15
N MET A 21 -19.92 21.07 15.26
CA MET A 21 -21.25 21.26 14.68
C MET A 21 -22.00 22.35 15.44
N SER A 22 -21.81 22.36 16.76
CA SER A 22 -22.41 23.38 17.58
C SER A 22 -21.78 24.74 17.28
N PHE A 23 -20.46 24.80 17.18
CA PHE A 23 -19.77 26.01 16.81
C PHE A 23 -20.29 26.58 15.49
N HIS A 24 -20.43 25.73 14.47
CA HIS A 24 -20.80 26.16 13.14
C HIS A 24 -22.29 26.26 12.99
N LYS A 25 -23.02 26.00 14.07
CA LYS A 25 -24.49 26.18 14.16
C LYS A 25 -25.33 25.35 13.18
N LEU A 26 -24.87 24.12 12.95
CA LEU A 26 -25.52 23.24 12.00
C LEU A 26 -26.83 22.83 12.59
N PRO A 27 -27.85 22.65 11.73
CA PRO A 27 -29.19 22.26 12.17
C PRO A 27 -29.27 20.86 12.78
N ALA A 28 -30.23 20.67 13.69
CA ALA A 28 -30.27 19.38 14.42
C ALA A 28 -30.42 18.17 13.53
N ASP A 29 -31.21 18.23 12.47
CA ASP A 29 -31.33 16.98 11.72
C ASP A 29 -30.07 16.64 10.95
N PHE A 30 -29.37 17.66 10.43
CA PHE A 30 -28.01 17.41 9.96
C PHE A 30 -27.13 16.86 11.07
N ARG A 31 -27.23 17.42 12.28
CA ARG A 31 -26.46 16.91 13.40
C ARG A 31 -26.77 15.37 13.63
N GLN A 32 -28.03 14.97 13.53
CA GLN A 32 -28.40 13.57 13.67
C GLN A 32 -27.91 12.74 12.50
N LYS A 33 -28.03 13.25 11.29
CA LYS A 33 -27.46 12.60 10.12
C LYS A 33 -25.99 12.25 10.34
N ILE A 34 -25.21 13.20 10.86
CA ILE A 34 -23.81 13.06 11.08
C ILE A 34 -23.63 12.03 12.19
N HIS A 35 -24.45 12.08 13.24
CA HIS A 35 -24.33 11.07 14.29
C HIS A 35 -24.54 9.67 13.70
N ASP A 36 -25.55 9.51 12.87
CA ASP A 36 -25.81 8.18 12.27
C ASP A 36 -24.66 7.68 11.37
N TYR A 37 -24.08 8.59 10.61
CA TYR A 37 -22.95 8.29 9.76
C TYR A 37 -21.80 7.72 10.58
N TYR A 38 -21.46 8.38 11.68
CA TYR A 38 -20.31 7.90 12.49
C TYR A 38 -20.53 6.50 13.04
N GLU A 39 -21.77 6.26 13.48
CA GLU A 39 -22.15 4.99 14.06
C GLU A 39 -21.96 3.89 13.05
N HIS A 40 -22.39 4.15 11.83
CA HIS A 40 -22.31 3.13 10.77
C HIS A 40 -20.94 3.04 10.21
N ARG A 41 -20.25 4.16 10.09
CA ARG A 41 -18.92 4.11 9.48
C ARG A 41 -17.91 3.51 10.40
N TYR A 42 -17.94 3.92 11.67
CA TYR A 42 -16.85 3.52 12.57
C TYR A 42 -17.21 2.49 13.64
N GLN A 43 -18.51 2.34 13.95
CA GLN A 43 -19.06 1.23 14.77
C GLN A 43 -18.42 1.17 16.15
N GLY A 44 -18.12 2.35 16.69
CA GLY A 44 -17.62 2.55 18.02
C GLY A 44 -16.14 2.60 18.21
N LYS A 45 -15.35 2.43 17.17
CA LYS A 45 -13.93 2.33 17.34
C LYS A 45 -13.28 3.20 16.33
N MET A 46 -12.18 3.84 16.68
CA MET A 46 -11.36 4.46 15.69
C MET A 46 -9.89 4.18 15.82
N PHE A 47 -9.26 4.02 14.65
CA PHE A 47 -7.82 3.71 14.51
C PHE A 47 -7.17 4.66 13.48
N ASP A 48 -5.90 5.01 13.71
CA ASP A 48 -5.02 5.62 12.70
C ASP A 48 -4.46 4.46 11.87
N GLU A 49 -5.19 4.08 10.82
CA GLU A 49 -4.83 2.88 10.06
C GLU A 49 -3.54 3.15 9.33
N ASP A 50 -3.38 4.39 8.89
CA ASP A 50 -2.16 4.84 8.23
C ASP A 50 -1.01 4.60 9.20
N SER A 51 -1.12 5.06 10.45
CA SER A 51 -0.04 4.88 11.39
C SER A 51 0.23 3.38 11.64
N ILE A 52 -0.83 2.60 11.82
CA ILE A 52 -0.66 1.18 12.06
C ILE A 52 0.04 0.44 10.92
N LEU A 53 -0.53 0.47 9.73
CA LEU A 53 0.06 -0.14 8.56
C LEU A 53 1.51 0.33 8.31
N GLY A 54 1.75 1.63 8.50
CA GLY A 54 3.05 2.20 8.27
C GLY A 54 4.07 1.64 9.24
N GLU A 55 3.64 1.10 10.39
CA GLU A 55 4.58 0.44 11.32
C GLU A 55 4.98 -0.95 10.86
N LEU A 56 4.21 -1.51 9.91
CA LEU A 56 4.46 -2.85 9.39
C LEU A 56 5.38 -2.85 8.16
N ASN A 57 5.43 -3.98 7.46
CA ASN A 57 6.22 -4.12 6.25
C ASN A 57 5.25 -4.44 5.16
N GLY A 58 5.77 -4.52 3.94
CA GLY A 58 4.93 -4.78 2.78
C GLY A 58 4.18 -6.09 2.80
N PRO A 59 4.85 -7.17 3.22
CA PRO A 59 4.23 -8.50 3.23
C PRO A 59 3.06 -8.58 4.18
N LEU A 60 3.17 -7.87 5.30
CA LEU A 60 2.16 -7.92 6.33
C LEU A 60 1.01 -7.08 5.89
N ARG A 61 1.28 -5.87 5.36
CA ARG A 61 0.21 -5.00 4.84
C ARG A 61 -0.57 -5.70 3.72
N GLU A 62 0.15 -6.36 2.81
CA GLU A 62 -0.49 -7.12 1.74
C GLU A 62 -1.43 -8.18 2.31
N GLU A 63 -0.93 -8.93 3.28
CA GLU A 63 -1.70 -9.99 3.91
C GLU A 63 -2.96 -9.48 4.56
N ILE A 64 -2.80 -8.40 5.30
CA ILE A 64 -3.89 -7.74 5.94
C ILE A 64 -4.88 -7.21 4.95
N VAL A 65 -4.43 -6.60 3.86
CA VAL A 65 -5.42 -6.07 2.90
C VAL A 65 -6.19 -7.24 2.22
N ASN A 66 -5.46 -8.28 1.84
CA ASN A 66 -6.19 -9.38 1.21
C ASN A 66 -7.20 -10.02 2.13
N PHE A 67 -6.82 -10.22 3.41
CA PHE A 67 -7.71 -10.76 4.36
C PHE A 67 -8.94 -9.89 4.58
N ASN A 68 -8.72 -8.60 4.66
CA ASN A 68 -9.78 -7.71 4.98
C ASN A 68 -10.78 -7.59 3.84
N CYS A 69 -10.30 -7.78 2.59
CA CYS A 69 -11.16 -7.63 1.39
C CYS A 69 -11.53 -9.00 0.77
N ARG A 70 -11.34 -10.07 1.51
CA ARG A 70 -11.60 -11.41 0.96
C ARG A 70 -13.04 -11.56 0.42
N LYS A 71 -14.01 -10.92 1.09
CA LYS A 71 -15.45 -10.99 0.69
C LYS A 71 -15.72 -10.15 -0.54
N LEU A 72 -15.31 -8.88 -0.50
CA LEU A 72 -15.30 -8.03 -1.69
C LEU A 72 -14.71 -8.79 -2.89
N VAL A 73 -13.50 -9.32 -2.75
CA VAL A 73 -12.77 -9.97 -3.84
C VAL A 73 -13.56 -11.17 -4.43
N ALA A 74 -14.14 -11.99 -3.57
CA ALA A 74 -14.90 -13.18 -3.97
C ALA A 74 -16.19 -12.75 -4.67
N SER A 75 -16.73 -11.61 -4.29
CA SER A 75 -17.97 -11.07 -4.88
C SER A 75 -17.75 -10.48 -6.25
N MET A 76 -16.54 -10.12 -6.58
CA MET A 76 -16.25 -9.34 -7.79
C MET A 76 -15.73 -10.17 -8.91
N PRO A 77 -16.49 -10.21 -10.01
CA PRO A 77 -16.10 -11.04 -11.12
C PRO A 77 -14.79 -10.53 -11.75
N LEU A 78 -14.55 -9.23 -11.71
CA LEU A 78 -13.29 -8.64 -12.16
C LEU A 78 -12.06 -9.35 -11.61
N PHE A 79 -12.12 -9.76 -10.36
CA PHE A 79 -11.00 -10.47 -9.71
C PHE A 79 -11.04 -11.98 -9.95
N ALA A 80 -12.14 -12.48 -10.50
CA ALA A 80 -12.36 -13.91 -10.62
C ALA A 80 -11.18 -14.65 -11.29
N ASN A 81 -10.84 -14.33 -12.53
CA ASN A 81 -9.77 -15.09 -13.18
C ASN A 81 -8.36 -14.53 -12.86
N ALA A 82 -8.28 -13.57 -11.93
CA ALA A 82 -7.20 -12.60 -11.97
C ALA A 82 -5.90 -12.97 -11.22
N ASP A 83 -4.83 -12.43 -11.77
CA ASP A 83 -3.49 -12.44 -11.15
C ASP A 83 -3.59 -11.88 -9.74
N PRO A 84 -3.19 -12.66 -8.71
CA PRO A 84 -3.17 -12.30 -7.30
C PRO A 84 -2.35 -11.03 -6.99
N ASN A 85 -1.44 -10.69 -7.87
CA ASN A 85 -0.66 -9.48 -7.78
C ASN A 85 -1.42 -8.27 -8.31
N PHE A 86 -2.28 -8.49 -9.31
CA PHE A 86 -3.12 -7.41 -9.76
C PHE A 86 -4.15 -7.14 -8.67
N VAL A 87 -4.72 -8.20 -8.10
CA VAL A 87 -5.71 -8.05 -7.00
C VAL A 87 -5.10 -7.20 -5.84
N THR A 88 -3.91 -7.62 -5.37
CA THR A 88 -3.19 -6.94 -4.34
C THR A 88 -2.87 -5.49 -4.70
N ALA A 89 -2.45 -5.24 -5.92
CA ALA A 89 -2.23 -3.85 -6.35
C ALA A 89 -3.44 -2.94 -6.21
N MET A 90 -4.59 -3.49 -6.60
CA MET A 90 -5.83 -2.80 -6.51
C MET A 90 -6.25 -2.58 -5.09
N LEU A 91 -6.28 -3.65 -4.31
CA LEU A 91 -6.77 -3.54 -2.96
C LEU A 91 -6.00 -2.48 -2.21
N THR A 92 -4.68 -2.50 -2.37
CA THR A 92 -3.80 -1.55 -1.70
C THR A 92 -4.16 -0.11 -1.93
N LYS A 93 -4.86 0.17 -3.05
CA LYS A 93 -5.19 1.51 -3.46
C LYS A 93 -6.63 1.95 -3.15
N LEU A 94 -7.45 1.03 -2.67
CA LEU A 94 -8.90 1.32 -2.35
C LEU A 94 -9.07 2.08 -1.05
N LYS A 95 -10.02 3.01 -1.05
CA LYS A 95 -10.41 3.73 0.15
C LYS A 95 -11.82 3.36 0.55
N PHE A 96 -11.99 2.99 1.79
CA PHE A 96 -13.27 2.53 2.29
C PHE A 96 -14.14 3.75 2.52
N GLU A 97 -15.41 3.63 2.11
CA GLU A 97 -16.38 4.70 2.27
C GLU A 97 -17.81 4.19 2.57
N VAL A 98 -18.58 4.90 3.37
CA VAL A 98 -19.90 4.50 3.65
C VAL A 98 -20.81 5.68 3.32
N PHE A 99 -21.97 5.39 2.72
CA PHE A 99 -22.96 6.37 2.32
C PHE A 99 -24.32 6.02 2.94
N GLN A 100 -25.14 7.03 3.19
CA GLN A 100 -26.45 6.83 3.78
C GLN A 100 -27.58 6.83 2.73
N PRO A 101 -28.76 6.20 3.07
CA PRO A 101 -29.86 6.14 2.08
C PRO A 101 -30.22 7.51 1.57
N GLY A 102 -30.36 7.61 0.24
CA GLY A 102 -30.64 8.85 -0.47
C GLY A 102 -29.49 9.71 -0.89
N ASP A 103 -28.31 9.50 -0.31
CA ASP A 103 -27.07 10.11 -0.80
C ASP A 103 -26.83 9.82 -2.30
N TYR A 104 -26.50 10.89 -3.01
CA TYR A 104 -26.03 10.84 -4.37
C TYR A 104 -24.52 10.68 -4.27
N ILE A 105 -24.04 9.46 -4.59
CA ILE A 105 -22.64 9.11 -4.59
C ILE A 105 -22.03 9.84 -5.78
N ILE A 106 -22.72 9.80 -6.92
CA ILE A 106 -22.37 10.50 -8.15
C ILE A 106 -23.60 11.27 -8.72
N ARG A 107 -23.36 12.44 -9.32
CA ARG A 107 -24.36 13.28 -9.99
C ARG A 107 -24.09 13.33 -11.49
N GLU A 108 -25.06 12.91 -12.32
CA GLU A 108 -24.95 13.06 -13.76
C GLU A 108 -24.43 14.47 -14.13
N GLY A 109 -23.58 14.51 -15.13
CA GLY A 109 -23.12 15.80 -15.63
C GLY A 109 -21.85 16.37 -15.03
N THR A 110 -21.49 15.97 -13.82
CA THR A 110 -20.28 16.47 -13.15
C THR A 110 -19.02 15.77 -13.66
N ILE A 111 -17.84 16.26 -13.27
CA ILE A 111 -16.57 15.67 -13.70
C ILE A 111 -16.22 14.54 -12.72
N GLY A 112 -15.85 13.37 -13.20
CA GLY A 112 -15.52 12.23 -12.31
C GLY A 112 -14.04 12.01 -12.01
N LYS A 113 -13.67 11.84 -10.75
CA LYS A 113 -12.27 11.56 -10.36
C LYS A 113 -12.08 10.19 -9.69
N LYS A 114 -13.14 9.41 -9.53
CA LYS A 114 -13.06 8.18 -8.77
C LYS A 114 -14.11 7.22 -9.28
N MET A 115 -13.91 5.98 -8.97
CA MET A 115 -14.90 4.94 -9.30
C MET A 115 -15.09 4.21 -7.98
N TYR A 116 -16.11 3.35 -7.91
CA TYR A 116 -16.55 2.75 -6.65
C TYR A 116 -16.79 1.26 -6.85
N PHE A 117 -16.36 0.45 -5.92
CA PHE A 117 -16.73 -0.98 -5.91
C PHE A 117 -17.72 -1.19 -4.78
N ILE A 118 -18.74 -2.00 -5.01
CA ILE A 118 -19.71 -2.23 -3.95
C ILE A 118 -19.35 -3.51 -3.16
N GLN A 119 -19.12 -3.36 -1.85
CA GLN A 119 -18.88 -4.49 -0.91
C GLN A 119 -20.27 -4.93 -0.42
N HIS A 120 -21.09 -3.99 0.05
CA HIS A 120 -22.48 -4.24 0.57
C HIS A 120 -23.42 -3.02 0.33
N GLY A 121 -24.56 -3.24 -0.29
CA GLY A 121 -25.55 -2.25 -0.41
C GLY A 121 -26.11 -2.28 -1.80
N VAL A 122 -27.12 -1.45 -2.02
CA VAL A 122 -27.73 -1.38 -3.32
C VAL A 122 -27.68 0.03 -3.68
N VAL A 123 -27.36 0.28 -4.94
CA VAL A 123 -27.44 1.66 -5.44
C VAL A 123 -28.42 1.71 -6.63
N SER A 124 -29.05 2.85 -6.86
CA SER A 124 -29.75 3.09 -8.09
C SER A 124 -28.93 3.90 -9.09
N VAL A 125 -28.88 3.42 -10.33
CA VAL A 125 -28.27 4.20 -11.44
C VAL A 125 -29.41 4.96 -12.15
N LEU A 126 -29.33 6.30 -12.12
CA LEU A 126 -30.43 7.19 -12.55
C LEU A 126 -29.96 7.99 -13.75
N THR A 127 -30.47 7.63 -14.92
CA THR A 127 -30.03 8.25 -16.14
C THR A 127 -31.16 9.02 -16.71
N LYS A 128 -30.98 10.32 -16.88
CA LYS A 128 -32.01 11.10 -17.54
C LYS A 128 -32.26 10.48 -18.90
N GLY A 129 -33.49 10.04 -19.15
CA GLY A 129 -33.83 9.54 -20.48
C GLY A 129 -34.00 8.04 -20.50
N ASN A 130 -33.72 7.39 -19.38
CA ASN A 130 -33.81 5.94 -19.33
C ASN A 130 -34.37 5.50 -18.00
N LYS A 131 -34.71 4.22 -17.94
CA LYS A 131 -35.29 3.65 -16.75
C LYS A 131 -34.12 3.51 -15.74
N GLU A 132 -34.46 3.48 -14.44
CA GLU A 132 -33.47 3.17 -13.40
C GLU A 132 -32.97 1.74 -13.59
N MET A 133 -31.74 1.51 -13.12
CA MET A 133 -31.29 0.17 -12.83
C MET A 133 -30.63 0.12 -11.45
N LYS A 134 -30.55 -1.07 -10.89
CA LYS A 134 -29.92 -1.27 -9.55
C LYS A 134 -28.60 -2.00 -9.66
N LEU A 135 -27.66 -1.65 -8.79
CA LEU A 135 -26.40 -2.35 -8.70
C LEU A 135 -26.17 -2.75 -7.27
N SER A 136 -25.54 -3.92 -7.07
CA SER A 136 -25.28 -4.37 -5.77
C SER A 136 -23.93 -5.07 -5.64
N ASP A 137 -23.84 -5.91 -4.62
CA ASP A 137 -22.63 -6.46 -4.07
C ASP A 137 -21.76 -7.00 -5.18
N GLY A 138 -20.56 -6.44 -5.30
CA GLY A 138 -19.56 -6.86 -6.23
C GLY A 138 -19.56 -6.27 -7.64
N SER A 139 -20.52 -5.43 -7.95
CA SER A 139 -20.42 -4.65 -9.15
C SER A 139 -19.63 -3.40 -8.82
N TYR A 140 -19.25 -2.67 -9.85
CA TYR A 140 -18.66 -1.39 -9.67
C TYR A 140 -19.34 -0.38 -10.60
N PHE A 141 -19.05 0.90 -10.35
CA PHE A 141 -19.58 1.99 -11.11
C PHE A 141 -18.67 3.23 -11.03
N GLY A 142 -18.79 4.11 -12.04
CA GLY A 142 -18.04 5.35 -12.10
C GLY A 142 -16.82 5.20 -12.96
N GLU A 143 -16.68 4.04 -13.61
CA GLU A 143 -15.52 3.71 -14.40
C GLU A 143 -15.50 4.42 -15.75
N ILE A 144 -16.65 4.78 -16.28
CA ILE A 144 -16.69 5.43 -17.57
C ILE A 144 -15.84 6.71 -17.61
N CYS A 145 -16.02 7.67 -16.68
CA CYS A 145 -15.23 8.90 -16.66
C CYS A 145 -13.78 8.60 -16.37
N LEU A 146 -13.47 7.53 -15.68
CA LEU A 146 -12.05 7.21 -15.50
C LEU A 146 -11.40 6.73 -16.78
N LEU A 147 -12.17 6.05 -17.61
CA LEU A 147 -11.64 5.63 -18.89
C LEU A 147 -11.67 6.77 -19.91
N THR A 148 -12.77 7.51 -19.95
CA THR A 148 -13.01 8.39 -21.07
C THR A 148 -12.69 9.82 -20.71
N ARG A 149 -12.55 10.13 -19.43
CA ARG A 149 -12.40 11.54 -19.01
C ARG A 149 -13.53 12.50 -19.50
N GLY A 150 -14.73 11.99 -19.78
CA GLY A 150 -15.91 12.83 -20.03
C GLY A 150 -16.67 13.22 -18.76
N ARG A 151 -17.92 13.65 -18.89
CA ARG A 151 -18.74 13.93 -17.73
C ARG A 151 -19.51 12.68 -17.29
N ARG A 152 -19.96 12.65 -16.05
CA ARG A 152 -20.69 11.51 -15.57
C ARG A 152 -21.92 11.30 -16.41
N THR A 153 -22.16 10.07 -16.84
CA THR A 153 -23.25 9.78 -17.73
C THR A 153 -24.58 9.48 -17.00
N ALA A 154 -24.55 9.47 -15.67
CA ALA A 154 -25.67 9.04 -14.86
C ALA A 154 -25.46 9.47 -13.39
N SER A 155 -26.56 9.52 -12.62
CA SER A 155 -26.44 9.71 -11.18
C SER A 155 -26.44 8.30 -10.55
N VAL A 156 -25.80 8.19 -9.40
CA VAL A 156 -25.82 7.02 -8.65
C VAL A 156 -26.17 7.39 -7.24
N ARG A 157 -27.23 6.78 -6.78
CA ARG A 157 -27.79 7.09 -5.46
C ARG A 157 -27.84 5.86 -4.59
N ALA A 158 -27.50 6.09 -3.33
CA ALA A 158 -27.53 5.06 -2.35
C ALA A 158 -29.02 4.85 -2.00
N ASP A 159 -29.47 3.62 -2.09
CA ASP A 159 -30.83 3.23 -1.71
C ASP A 159 -30.86 2.63 -0.29
N THR A 160 -29.78 1.93 0.06
CA THR A 160 -29.53 1.49 1.44
C THR A 160 -28.30 2.20 2.01
N TYR A 161 -27.91 1.79 3.20
CA TYR A 161 -26.58 2.07 3.62
C TYR A 161 -25.68 1.33 2.61
N CYS A 162 -24.63 2.00 2.18
CA CYS A 162 -23.70 1.46 1.22
C CYS A 162 -22.32 1.52 1.80
N ARG A 163 -21.64 0.41 1.70
CA ARG A 163 -20.23 0.22 2.05
C ARG A 163 -19.48 -0.02 0.77
N LEU A 164 -18.68 0.97 0.36
CA LEU A 164 -18.10 1.01 -0.93
C LEU A 164 -16.61 1.21 -0.75
N TYR A 165 -15.84 0.87 -1.77
CA TYR A 165 -14.41 1.15 -1.80
C TYR A 165 -14.16 2.00 -3.01
N SER A 166 -13.48 3.11 -2.88
CA SER A 166 -13.32 4.02 -3.99
C SER A 166 -11.88 3.84 -4.49
N LEU A 167 -11.65 4.16 -5.76
CA LEU A 167 -10.35 4.14 -6.43
C LEU A 167 -10.24 5.40 -7.25
N SER A 168 -9.20 6.20 -7.00
CA SER A 168 -9.07 7.44 -7.69
C SER A 168 -8.63 7.25 -9.12
N VAL A 169 -8.79 8.25 -9.95
CA VAL A 169 -8.37 8.12 -11.34
C VAL A 169 -6.85 7.93 -11.47
N ASP A 170 -6.08 8.58 -10.59
CA ASP A 170 -4.60 8.45 -10.60
C ASP A 170 -4.13 7.03 -10.23
N ASN A 171 -4.79 6.41 -9.26
CA ASN A 171 -4.47 5.08 -8.84
C ASN A 171 -4.91 4.02 -9.83
N PHE A 172 -6.11 4.23 -10.35
CA PHE A 172 -6.63 3.43 -11.45
C PHE A 172 -5.60 3.36 -12.62
N ASN A 173 -5.17 4.51 -13.12
CA ASN A 173 -4.17 4.49 -14.20
C ASN A 173 -2.83 3.82 -13.82
N GLU A 174 -2.34 4.15 -12.65
CA GLU A 174 -1.14 3.50 -12.07
C GLU A 174 -1.22 1.99 -12.13
N VAL A 175 -2.28 1.41 -11.55
CA VAL A 175 -2.43 -0.06 -11.56
C VAL A 175 -2.70 -0.62 -12.99
N LEU A 176 -3.43 0.13 -13.80
CA LEU A 176 -3.59 -0.27 -15.18
C LEU A 176 -2.32 -0.14 -16.03
N GLU A 177 -1.53 0.94 -15.82
CA GLU A 177 -0.15 0.96 -16.34
C GLU A 177 0.56 -0.35 -15.96
N GLU A 178 0.46 -0.79 -14.73
CA GLU A 178 1.12 -2.02 -14.35
C GLU A 178 0.50 -3.32 -14.93
N TYR A 179 -0.82 -3.41 -15.03
CA TYR A 179 -1.50 -4.66 -15.48
C TYR A 179 -2.41 -4.29 -16.62
N PRO A 180 -1.81 -3.96 -17.79
CA PRO A 180 -2.53 -3.35 -18.88
C PRO A 180 -3.53 -4.29 -19.54
N MET A 181 -3.36 -5.60 -19.36
CA MET A 181 -4.36 -6.56 -19.77
C MET A 181 -5.69 -6.35 -19.00
N MET A 182 -5.67 -5.70 -17.83
CA MET A 182 -6.91 -5.58 -17.05
C MET A 182 -7.78 -4.45 -17.47
N ARG A 183 -7.22 -3.52 -18.24
CA ARG A 183 -8.01 -2.39 -18.74
C ARG A 183 -9.19 -2.92 -19.54
N ARG A 184 -8.98 -3.99 -20.31
CA ARG A 184 -10.01 -4.55 -21.17
C ARG A 184 -11.32 -4.89 -20.43
N ALA A 185 -11.18 -5.57 -19.28
CA ALA A 185 -12.35 -5.88 -18.42
C ALA A 185 -13.22 -4.64 -18.09
N PHE A 186 -12.58 -3.56 -17.70
CA PHE A 186 -13.32 -2.36 -17.41
C PHE A 186 -13.97 -1.83 -18.67
N GLU A 187 -13.25 -1.88 -19.80
CA GLU A 187 -13.77 -1.33 -21.08
C GLU A 187 -15.04 -2.05 -21.53
N THR A 188 -15.06 -3.38 -21.35
CA THR A 188 -16.17 -4.23 -21.77
C THR A 188 -17.44 -3.82 -21.03
N VAL A 189 -17.36 -3.68 -19.72
CA VAL A 189 -18.46 -3.16 -18.92
C VAL A 189 -18.89 -1.76 -19.33
N ALA A 190 -17.94 -0.83 -19.40
CA ALA A 190 -18.18 0.50 -19.87
C ALA A 190 -18.88 0.58 -21.23
N ILE A 191 -18.41 -0.23 -22.16
CA ILE A 191 -19.04 -0.34 -23.46
C ILE A 191 -20.46 -0.79 -23.39
N ASP A 192 -20.77 -1.79 -22.55
CA ASP A 192 -22.16 -2.27 -22.48
C ASP A 192 -23.12 -1.19 -21.89
N ARG A 193 -22.63 -0.39 -20.96
CA ARG A 193 -23.43 0.64 -20.31
C ARG A 193 -23.53 1.84 -21.22
N LEU A 194 -22.49 2.15 -21.98
CA LEU A 194 -22.63 3.20 -22.98
C LEU A 194 -23.69 2.85 -24.07
N ASP A 195 -23.72 1.60 -24.53
CA ASP A 195 -24.75 1.06 -25.40
C ASP A 195 -26.18 1.29 -24.92
N ARG A 196 -26.40 1.14 -23.63
CA ARG A 196 -27.72 1.17 -23.05
C ARG A 196 -28.23 2.61 -23.02
N ILE A 197 -27.31 3.54 -22.88
CA ILE A 197 -27.72 4.90 -22.82
C ILE A 197 -27.55 5.53 -24.18
N GLY A 198 -27.39 4.69 -25.21
CA GLY A 198 -27.31 5.19 -26.58
C GLY A 198 -26.11 6.03 -26.95
N LYS A 199 -24.93 5.64 -26.45
CA LYS A 199 -23.70 6.35 -26.71
C LYS A 199 -22.67 5.43 -27.34
N LYS A 200 -21.81 6.01 -28.15
CA LYS A 200 -20.68 5.28 -28.72
C LYS A 200 -19.40 6.09 -28.47
N ASN A 201 -18.28 5.38 -28.28
CA ASN A 201 -17.01 6.08 -28.12
C ASN A 201 -15.81 5.29 -28.64
N SER A 202 -15.14 5.87 -29.62
CA SER A 202 -14.06 5.21 -30.36
C SER A 202 -12.86 4.93 -29.47
N ASP B 4 11.47 4.28 28.79
CA ASP B 4 10.41 5.09 29.49
C ASP B 4 9.16 5.34 28.63
N SER B 5 8.98 6.59 28.21
CA SER B 5 7.99 6.89 27.24
C SER B 5 8.28 6.05 25.98
N SER B 6 9.53 5.70 25.65
CA SER B 6 9.75 4.86 24.41
C SER B 6 9.07 3.49 24.55
N ARG B 7 9.20 2.90 25.74
CA ARG B 7 8.54 1.62 26.02
C ARG B 7 7.04 1.77 26.11
N ARG B 8 6.59 2.76 26.84
CA ARG B 8 5.17 3.15 26.87
C ARG B 8 4.60 3.36 25.47
N GLN B 9 5.35 4.01 24.56
CA GLN B 9 4.84 4.14 23.17
C GLN B 9 4.73 2.79 22.48
N TYR B 10 5.69 1.90 22.66
CA TYR B 10 5.59 0.51 22.11
C TYR B 10 4.33 -0.11 22.64
N GLN B 11 4.11 -0.04 23.97
CA GLN B 11 3.00 -0.74 24.62
C GLN B 11 1.70 -0.16 24.15
N GLU B 12 1.63 1.14 24.04
CA GLU B 12 0.37 1.76 23.66
C GLU B 12 0.04 1.42 22.17
N LYS B 13 1.06 1.45 21.31
CA LYS B 13 0.85 1.22 19.90
C LYS B 13 0.58 -0.28 19.61
N TYR B 14 1.14 -1.17 20.42
CA TYR B 14 0.86 -2.59 20.26
C TYR B 14 -0.59 -2.88 20.66
N LYS B 15 -1.04 -2.22 21.73
CA LYS B 15 -2.44 -2.22 22.14
C LYS B 15 -3.40 -1.88 21.00
N GLN B 16 -3.03 -0.88 20.20
CA GLN B 16 -3.82 -0.41 19.10
C GLN B 16 -3.90 -1.46 18.04
N VAL B 17 -2.75 -1.97 17.70
CA VAL B 17 -2.65 -3.07 16.74
C VAL B 17 -3.56 -4.22 17.15
N GLU B 18 -3.46 -4.68 18.40
CA GLU B 18 -4.36 -5.72 18.93
C GLU B 18 -5.85 -5.40 18.72
N GLN B 19 -6.23 -4.15 19.04
CA GLN B 19 -7.60 -3.72 18.84
C GLN B 19 -7.93 -3.76 17.39
N TYR B 20 -7.07 -3.21 16.54
CA TYR B 20 -7.32 -3.27 15.07
C TYR B 20 -7.57 -4.70 14.55
N MET B 21 -6.74 -5.63 14.99
CA MET B 21 -6.87 -7.04 14.56
C MET B 21 -8.13 -7.70 15.05
N SER B 22 -8.52 -7.44 16.29
CA SER B 22 -9.74 -8.03 16.81
C SER B 22 -10.98 -7.51 16.04
N PHE B 23 -11.00 -6.20 15.82
CA PHE B 23 -12.03 -5.54 15.06
C PHE B 23 -12.12 -6.18 13.69
N HIS B 24 -10.99 -6.46 13.03
CA HIS B 24 -11.08 -6.98 11.67
C HIS B 24 -11.12 -8.48 11.68
N LYS B 25 -11.23 -9.07 12.87
CA LYS B 25 -11.35 -10.52 13.03
C LYS B 25 -10.22 -11.31 12.37
N LEU B 26 -8.98 -10.86 12.51
CA LEU B 26 -7.90 -11.63 11.90
C LEU B 26 -7.73 -12.94 12.64
N PRO B 27 -7.34 -13.98 11.93
CA PRO B 27 -7.22 -15.24 12.67
C PRO B 27 -6.04 -15.25 13.62
N ALA B 28 -6.14 -16.16 14.58
CA ALA B 28 -5.20 -16.31 15.67
C ALA B 28 -3.74 -16.46 15.19
N ASP B 29 -3.50 -17.26 14.17
CA ASP B 29 -2.14 -17.55 13.75
C ASP B 29 -1.50 -16.25 13.22
N PHE B 30 -2.29 -15.47 12.49
CA PHE B 30 -1.79 -14.20 11.92
C PHE B 30 -1.58 -13.15 13.03
N ARG B 31 -2.45 -13.12 14.03
CA ARG B 31 -2.23 -12.21 15.15
C ARG B 31 -0.92 -12.44 15.88
N GLN B 32 -0.61 -13.71 16.11
CA GLN B 32 0.65 -14.08 16.70
C GLN B 32 1.77 -13.67 15.77
N LYS B 33 1.64 -13.88 14.45
CA LYS B 33 2.69 -13.42 13.52
C LYS B 33 2.97 -11.91 13.67
N ILE B 34 1.89 -11.16 13.79
CA ILE B 34 2.01 -9.70 13.93
C ILE B 34 2.67 -9.41 15.24
N HIS B 35 2.31 -10.15 16.29
CA HIS B 35 2.93 -9.99 17.58
C HIS B 35 4.40 -10.18 17.48
N ASP B 36 4.81 -11.27 16.84
CA ASP B 36 6.20 -11.59 16.70
C ASP B 36 6.96 -10.57 15.88
N TYR B 37 6.32 -10.06 14.82
CA TYR B 37 6.90 -8.98 14.08
C TYR B 37 7.20 -7.79 14.95
N TYR B 38 6.25 -7.34 15.78
CA TYR B 38 6.51 -6.11 16.60
C TYR B 38 7.69 -6.29 17.51
N GLU B 39 7.83 -7.51 18.02
CA GLU B 39 8.78 -7.85 19.04
C GLU B 39 10.14 -7.87 18.41
N HIS B 40 10.22 -8.49 17.21
CA HIS B 40 11.48 -8.47 16.50
C HIS B 40 11.83 -7.12 15.91
N ARG B 41 10.85 -6.41 15.37
CA ARG B 41 11.14 -5.12 14.71
C ARG B 41 11.52 -4.00 15.71
N TYR B 42 10.75 -3.91 16.80
CA TYR B 42 10.84 -2.77 17.69
C TYR B 42 11.47 -3.12 18.99
N GLN B 43 11.49 -4.39 19.38
CA GLN B 43 12.01 -4.78 20.71
C GLN B 43 11.57 -3.99 21.91
N GLY B 44 10.30 -3.75 21.99
CA GLY B 44 9.76 -3.19 23.18
C GLY B 44 9.87 -1.67 23.24
N LYS B 45 10.48 -1.06 22.22
CA LYS B 45 10.68 0.39 22.19
C LYS B 45 10.26 1.00 20.87
N MET B 46 9.65 2.18 20.90
CA MET B 46 9.31 2.93 19.70
C MET B 46 9.69 4.40 19.83
N PHE B 47 10.22 4.87 18.71
CA PHE B 47 10.76 6.19 18.60
C PHE B 47 10.18 6.85 17.38
N ASP B 48 10.03 8.17 17.40
CA ASP B 48 9.74 8.93 16.19
C ASP B 48 11.10 9.43 15.67
N GLU B 49 11.81 8.58 14.94
CA GLU B 49 13.20 8.85 14.58
C GLU B 49 13.29 10.06 13.68
N ASP B 50 12.36 10.19 12.77
CA ASP B 50 12.45 11.28 11.84
C ASP B 50 12.36 12.60 12.58
N SER B 51 11.54 12.66 13.62
CA SER B 51 11.42 13.87 14.44
C SER B 51 12.67 14.09 15.36
N ILE B 52 13.21 13.05 15.97
CA ILE B 52 14.55 13.14 16.63
C ILE B 52 15.70 13.64 15.73
N LEU B 53 15.93 12.98 14.61
CA LEU B 53 16.97 13.35 13.67
C LEU B 53 16.76 14.78 13.04
N GLY B 54 15.47 15.16 12.84
CA GLY B 54 15.06 16.44 12.43
C GLY B 54 15.44 17.53 13.39
N GLU B 55 15.49 17.20 14.68
CA GLU B 55 15.88 18.16 15.71
C GLU B 55 17.38 18.53 15.71
N LEU B 56 18.20 17.73 15.05
CA LEU B 56 19.63 17.85 15.07
C LEU B 56 20.08 18.68 13.91
N ASN B 57 21.38 18.70 13.68
CA ASN B 57 21.95 19.31 12.47
C ASN B 57 22.54 18.22 11.61
N GLY B 58 22.92 18.59 10.40
CA GLY B 58 23.62 17.65 9.46
C GLY B 58 24.76 16.77 9.95
N PRO B 59 25.81 17.37 10.52
CA PRO B 59 26.92 16.66 11.09
C PRO B 59 26.54 15.64 12.18
N LEU B 60 25.66 15.99 13.12
CA LEU B 60 25.28 15.02 14.11
C LEU B 60 24.51 13.91 13.41
N ARG B 61 23.62 14.29 12.51
CA ARG B 61 22.82 13.31 11.79
C ARG B 61 23.70 12.37 11.09
N GLU B 62 24.72 12.87 10.42
CA GLU B 62 25.76 12.06 9.71
C GLU B 62 26.47 11.05 10.59
N GLU B 63 27.02 11.51 11.69
CA GLU B 63 27.59 10.62 12.69
C GLU B 63 26.62 9.52 13.16
N ILE B 64 25.35 9.83 13.36
CA ILE B 64 24.42 8.82 13.86
C ILE B 64 24.10 7.77 12.82
N VAL B 65 23.80 8.16 11.56
CA VAL B 65 23.43 7.17 10.59
C VAL B 65 24.64 6.28 10.36
N ASN B 66 25.82 6.90 10.30
CA ASN B 66 27.05 6.15 10.21
C ASN B 66 27.24 5.13 11.30
N PHE B 67 27.09 5.50 12.58
CA PHE B 67 27.18 4.52 13.64
C PHE B 67 25.99 3.53 13.63
N ASN B 68 24.77 4.01 13.39
CA ASN B 68 23.64 3.08 13.41
C ASN B 68 23.82 1.92 12.44
N CYS B 69 24.39 2.20 11.27
CA CYS B 69 24.58 1.23 10.21
C CYS B 69 25.99 0.62 10.15
N ARG B 70 26.72 0.63 11.27
CA ARG B 70 28.11 0.15 11.33
C ARG B 70 28.19 -1.30 10.86
N LYS B 71 27.29 -2.15 11.34
CA LYS B 71 27.30 -3.57 10.96
C LYS B 71 27.09 -3.77 9.47
N LEU B 72 26.12 -3.07 8.90
CA LEU B 72 25.87 -3.17 7.47
C LEU B 72 27.03 -2.68 6.67
N VAL B 73 27.64 -1.60 7.17
CA VAL B 73 28.73 -0.99 6.43
C VAL B 73 29.90 -1.97 6.38
N ALA B 74 30.18 -2.56 7.53
CA ALA B 74 31.25 -3.51 7.65
C ALA B 74 31.14 -4.62 6.62
N SER B 75 29.94 -5.19 6.48
CA SER B 75 29.82 -6.50 5.76
C SER B 75 29.54 -6.34 4.29
N MET B 76 29.40 -5.11 3.83
CA MET B 76 29.05 -4.80 2.47
C MET B 76 30.29 -4.25 1.75
N PRO B 77 30.92 -5.05 0.88
CA PRO B 77 32.13 -4.56 0.19
C PRO B 77 31.88 -3.30 -0.63
N LEU B 78 30.70 -3.19 -1.23
CA LEU B 78 30.30 -1.92 -1.82
C LEU B 78 30.62 -0.75 -0.89
N PHE B 79 30.35 -0.98 0.39
CA PHE B 79 30.55 0.02 1.43
C PHE B 79 31.90 -0.11 2.12
N ALA B 80 32.36 -1.32 2.38
CA ALA B 80 33.67 -1.53 3.02
C ALA B 80 34.68 -0.51 2.48
N ASN B 81 34.75 -0.42 1.15
CA ASN B 81 35.83 0.27 0.48
C ASN B 81 35.58 1.75 0.12
N ALA B 82 34.33 2.11 -0.07
CA ALA B 82 33.96 3.33 -0.84
C ALA B 82 34.37 4.73 -0.28
N ASP B 83 34.13 5.75 -1.10
CA ASP B 83 34.20 7.19 -0.75
C ASP B 83 33.27 7.47 0.46
N PRO B 84 33.77 8.10 1.55
CA PRO B 84 32.97 8.27 2.80
C PRO B 84 31.72 9.13 2.63
N ASN B 85 31.80 10.10 1.74
CA ASN B 85 30.60 10.90 1.44
C ASN B 85 29.51 10.09 0.68
N PHE B 86 29.91 9.17 -0.21
CA PHE B 86 28.96 8.30 -0.93
C PHE B 86 28.20 7.40 0.02
N VAL B 87 28.94 6.74 0.89
CA VAL B 87 28.37 5.92 1.92
C VAL B 87 27.34 6.73 2.71
N THR B 88 27.73 7.92 3.12
CA THR B 88 26.93 8.72 4.05
C THR B 88 25.63 9.15 3.38
N ALA B 89 25.74 9.66 2.16
CA ALA B 89 24.61 9.84 1.31
C ALA B 89 23.74 8.61 1.14
N MET B 90 24.32 7.40 1.03
CA MET B 90 23.49 6.18 0.83
C MET B 90 22.71 5.89 2.09
N LEU B 91 23.44 5.85 3.20
CA LEU B 91 22.94 5.53 4.54
C LEU B 91 21.80 6.39 4.97
N THR B 92 21.89 7.67 4.64
CA THR B 92 20.86 8.63 5.11
C THR B 92 19.57 8.45 4.35
N LYS B 93 19.58 7.71 3.24
CA LYS B 93 18.35 7.39 2.51
C LYS B 93 17.74 5.99 2.83
N LEU B 94 18.48 5.11 3.51
CA LEU B 94 18.03 3.75 3.75
C LEU B 94 16.93 3.72 4.79
N LYS B 95 16.03 2.77 4.62
CA LYS B 95 14.98 2.49 5.58
C LYS B 95 15.12 1.03 6.14
N PHE B 96 15.26 0.95 7.46
CA PHE B 96 15.39 -0.28 8.17
C PHE B 96 14.08 -1.07 8.06
N GLU B 97 14.14 -2.31 7.63
CA GLU B 97 12.91 -3.14 7.57
C GLU B 97 13.23 -4.56 8.08
N VAL B 98 12.28 -5.17 8.77
CA VAL B 98 12.43 -6.57 9.24
C VAL B 98 11.35 -7.46 8.63
N PHE B 99 11.78 -8.65 8.19
CA PHE B 99 10.95 -9.60 7.50
C PHE B 99 11.01 -10.91 8.25
N GLN B 100 9.94 -11.68 8.13
CA GLN B 100 9.80 -12.93 8.83
C GLN B 100 9.91 -14.14 7.90
N PRO B 101 10.32 -15.31 8.47
CA PRO B 101 10.42 -16.51 7.65
C PRO B 101 9.17 -16.75 6.79
N GLY B 102 9.35 -16.90 5.47
CA GLY B 102 8.20 -17.11 4.59
C GLY B 102 7.77 -15.90 3.81
N ASP B 103 8.16 -14.72 4.27
CA ASP B 103 7.72 -13.46 3.59
C ASP B 103 8.31 -13.36 2.19
N TYR B 104 7.44 -13.02 1.24
CA TYR B 104 7.86 -12.61 -0.06
C TYR B 104 8.15 -11.13 -0.03
N ILE B 105 9.42 -10.80 0.16
CA ILE B 105 9.93 -9.42 0.05
C ILE B 105 9.70 -8.80 -1.32
N ILE B 106 9.94 -9.60 -2.35
CA ILE B 106 9.78 -9.22 -3.76
C ILE B 106 9.01 -10.33 -4.50
N ARG B 107 8.11 -9.92 -5.39
CA ARG B 107 7.38 -10.84 -6.26
C ARG B 107 7.76 -10.62 -7.68
N GLU B 108 8.19 -11.71 -8.31
CA GLU B 108 8.49 -11.74 -9.78
C GLU B 108 7.37 -11.14 -10.63
N GLY B 109 7.70 -10.43 -11.69
CA GLY B 109 6.68 -9.86 -12.59
C GLY B 109 6.07 -8.57 -12.12
N THR B 110 6.25 -8.21 -10.85
CA THR B 110 5.73 -6.93 -10.40
C THR B 110 6.67 -5.81 -10.77
N ILE B 111 6.22 -4.56 -10.59
CA ILE B 111 7.13 -3.41 -10.88
C ILE B 111 7.93 -3.11 -9.61
N GLY B 112 9.22 -2.88 -9.75
CA GLY B 112 10.10 -2.73 -8.61
C GLY B 112 10.39 -1.26 -8.37
N LYS B 113 10.18 -0.82 -7.13
CA LYS B 113 10.42 0.57 -6.70
C LYS B 113 11.47 0.69 -5.60
N LYS B 114 12.10 -0.43 -5.23
CA LYS B 114 13.13 -0.43 -4.21
C LYS B 114 14.06 -1.61 -4.25
N MET B 115 15.23 -1.42 -3.67
CA MET B 115 16.20 -2.51 -3.53
C MET B 115 16.48 -2.73 -2.04
N TYR B 116 17.16 -3.82 -1.72
CA TYR B 116 17.39 -4.27 -0.32
C TYR B 116 18.80 -4.69 -0.05
N PHE B 117 19.37 -4.21 1.05
CA PHE B 117 20.67 -4.61 1.56
C PHE B 117 20.54 -5.50 2.76
N ILE B 118 21.26 -6.61 2.77
CA ILE B 118 21.07 -7.59 3.82
C ILE B 118 22.08 -7.29 4.91
N GLN B 119 21.59 -6.91 6.08
CA GLN B 119 22.46 -6.75 7.28
C GLN B 119 22.56 -8.10 7.95
N HIS B 120 21.42 -8.70 8.21
CA HIS B 120 21.39 -10.02 8.78
C HIS B 120 20.24 -10.91 8.30
N GLY B 121 20.56 -12.08 7.83
CA GLY B 121 19.50 -13.01 7.49
C GLY B 121 19.81 -13.72 6.22
N VAL B 122 18.92 -14.65 5.85
CA VAL B 122 19.04 -15.44 4.63
C VAL B 122 17.78 -15.30 3.80
N VAL B 123 17.98 -15.12 2.49
CA VAL B 123 16.86 -15.10 1.53
C VAL B 123 17.14 -16.01 0.37
N SER B 124 16.06 -16.55 -0.18
CA SER B 124 16.08 -17.37 -1.39
C SER B 124 15.53 -16.59 -2.53
N VAL B 125 16.26 -16.67 -3.62
CA VAL B 125 15.87 -16.06 -4.84
C VAL B 125 15.29 -17.19 -5.64
N LEU B 126 14.02 -17.03 -6.03
CA LEU B 126 13.23 -17.98 -6.77
C LEU B 126 12.81 -17.37 -8.11
N THR B 127 13.49 -17.80 -9.14
CA THR B 127 13.23 -17.37 -10.50
C THR B 127 12.44 -18.52 -11.19
N LYS B 128 11.25 -18.24 -11.71
CA LYS B 128 10.58 -19.23 -12.58
C LYS B 128 11.51 -19.57 -13.71
N GLY B 129 11.81 -20.85 -13.88
CA GLY B 129 12.62 -21.27 -15.02
C GLY B 129 14.01 -21.61 -14.57
N ASN B 130 14.34 -21.30 -13.30
CA ASN B 130 15.68 -21.65 -12.79
C ASN B 130 15.65 -22.23 -11.37
N LYS B 131 16.80 -22.70 -10.89
CA LYS B 131 16.95 -23.20 -9.52
C LYS B 131 17.06 -22.05 -8.50
N GLU B 132 16.77 -22.37 -7.25
CA GLU B 132 16.85 -21.42 -6.15
C GLU B 132 18.28 -21.16 -5.85
N MET B 133 18.54 -19.96 -5.38
CA MET B 133 19.83 -19.64 -4.83
C MET B 133 19.58 -18.74 -3.64
N LYS B 134 20.61 -18.57 -2.84
CA LYS B 134 20.46 -17.95 -1.56
C LYS B 134 21.39 -16.78 -1.50
N LEU B 135 20.97 -15.75 -0.76
CA LEU B 135 21.79 -14.57 -0.53
C LEU B 135 21.73 -14.33 0.97
N SER B 136 22.82 -13.82 1.52
CA SER B 136 22.87 -13.59 2.94
C SER B 136 23.63 -12.33 3.28
N ASP B 137 24.21 -12.29 4.49
CA ASP B 137 24.75 -11.06 5.02
C ASP B 137 25.73 -10.33 4.08
N GLY B 138 25.48 -9.05 3.86
CA GLY B 138 26.34 -8.25 3.00
C GLY B 138 26.01 -8.32 1.50
N SER B 139 25.00 -9.10 1.09
CA SER B 139 24.52 -9.08 -0.27
C SER B 139 23.39 -8.08 -0.39
N TYR B 140 23.08 -7.67 -1.59
CA TYR B 140 21.93 -6.82 -1.82
C TYR B 140 21.15 -7.49 -2.99
N PHE B 141 19.89 -7.05 -3.14
CA PHE B 141 18.99 -7.56 -4.23
C PHE B 141 17.91 -6.52 -4.55
N GLY B 142 17.34 -6.68 -5.73
CA GLY B 142 16.34 -5.74 -6.23
C GLY B 142 16.89 -4.62 -7.05
N GLU B 143 18.17 -4.68 -7.36
CA GLU B 143 18.85 -3.61 -8.08
C GLU B 143 18.55 -3.54 -9.55
N ILE B 144 18.19 -4.67 -10.13
CA ILE B 144 17.90 -4.75 -11.59
C ILE B 144 16.73 -3.84 -12.00
N CYS B 145 15.67 -3.76 -11.20
CA CYS B 145 14.56 -2.87 -11.56
C CYS B 145 14.87 -1.40 -11.37
N LEU B 146 15.77 -1.09 -10.45
CA LEU B 146 16.16 0.26 -10.19
C LEU B 146 17.05 0.74 -11.34
N LEU B 147 17.92 -0.13 -11.80
CA LEU B 147 18.81 0.15 -12.94
C LEU B 147 18.07 0.13 -14.25
N THR B 148 17.25 -0.86 -14.49
CA THR B 148 16.58 -1.03 -15.78
C THR B 148 15.08 -0.66 -15.84
N ARG B 149 14.54 -0.20 -14.72
CA ARG B 149 13.12 0.18 -14.62
C ARG B 149 12.05 -0.73 -15.32
N GLY B 150 12.33 -2.02 -15.56
CA GLY B 150 11.30 -2.97 -16.04
C GLY B 150 10.56 -3.74 -14.93
N ARG B 151 10.50 -5.08 -15.04
CA ARG B 151 9.81 -5.92 -14.04
C ARG B 151 10.77 -6.80 -13.25
N ARG B 152 10.36 -7.10 -12.00
CA ARG B 152 11.08 -8.01 -11.11
C ARG B 152 11.32 -9.30 -11.82
N THR B 153 12.58 -9.63 -11.87
CA THR B 153 13.06 -10.80 -12.62
C THR B 153 12.99 -12.13 -11.83
N ALA B 154 12.63 -12.03 -10.55
CA ALA B 154 12.51 -13.15 -9.66
C ALA B 154 11.75 -12.73 -8.37
N SER B 155 11.30 -13.70 -7.57
CA SER B 155 10.77 -13.50 -6.24
C SER B 155 11.85 -13.63 -5.21
N VAL B 156 11.74 -12.87 -4.14
CA VAL B 156 12.68 -13.03 -3.07
C VAL B 156 11.94 -13.20 -1.78
N ARG B 157 12.25 -14.31 -1.13
CA ARG B 157 11.51 -14.85 0.05
C ARG B 157 12.44 -14.98 1.23
N ALA B 158 12.06 -14.46 2.38
CA ALA B 158 12.88 -14.63 3.59
C ALA B 158 12.82 -16.08 4.09
N ASP B 159 13.98 -16.63 4.41
CA ASP B 159 14.05 -17.97 4.96
C ASP B 159 14.21 -17.95 6.45
N THR B 160 14.93 -16.94 6.95
CA THR B 160 15.00 -16.61 8.39
C THR B 160 14.43 -15.22 8.67
N TYR B 161 14.48 -14.80 9.91
CA TYR B 161 14.26 -13.43 10.24
C TYR B 161 15.35 -12.63 9.48
N CYS B 162 14.95 -11.62 8.73
CA CYS B 162 15.90 -10.86 7.93
C CYS B 162 15.82 -9.42 8.37
N ARG B 163 16.97 -8.87 8.70
CA ARG B 163 17.07 -7.45 8.94
C ARG B 163 17.74 -6.82 7.73
N LEU B 164 16.95 -6.00 7.00
CA LEU B 164 17.35 -5.39 5.76
C LEU B 164 17.23 -3.90 5.81
N TYR B 165 17.88 -3.27 4.86
CA TYR B 165 17.69 -1.86 4.64
C TYR B 165 17.28 -1.66 3.23
N SER B 166 16.18 -0.94 3.03
CA SER B 166 15.68 -0.73 1.71
C SER B 166 16.12 0.65 1.21
N LEU B 167 16.23 0.75 -0.09
CA LEU B 167 16.49 2.05 -0.79
C LEU B 167 15.49 2.27 -1.91
N SER B 168 14.79 3.42 -1.93
CA SER B 168 13.86 3.68 -3.03
C SER B 168 14.56 4.00 -4.36
N VAL B 169 13.90 3.72 -5.49
CA VAL B 169 14.45 4.08 -6.83
C VAL B 169 14.83 5.56 -6.94
N ASP B 170 13.93 6.47 -6.54
CA ASP B 170 14.20 7.90 -6.61
C ASP B 170 15.38 8.23 -5.73
N ASN B 171 15.49 7.58 -4.58
CA ASN B 171 16.66 7.88 -3.74
C ASN B 171 17.91 7.35 -4.32
N PHE B 172 17.80 6.14 -4.90
CA PHE B 172 18.85 5.51 -5.62
C PHE B 172 19.37 6.45 -6.72
N ASN B 173 18.49 6.97 -7.53
CA ASN B 173 18.96 7.90 -8.60
C ASN B 173 19.50 9.22 -8.04
N GLU B 174 18.87 9.78 -6.99
CA GLU B 174 19.43 10.94 -6.30
C GLU B 174 20.88 10.71 -5.92
N VAL B 175 21.16 9.56 -5.38
CA VAL B 175 22.53 9.34 -4.94
C VAL B 175 23.43 9.08 -6.09
N LEU B 176 22.90 8.47 -7.15
CA LEU B 176 23.78 8.08 -8.24
C LEU B 176 24.09 9.28 -9.15
N GLU B 177 23.16 10.22 -9.26
CA GLU B 177 23.42 11.47 -9.97
C GLU B 177 24.58 12.27 -9.30
N GLU B 178 24.85 12.01 -8.02
CA GLU B 178 25.93 12.68 -7.29
C GLU B 178 27.26 11.94 -7.28
N TYR B 179 27.17 10.62 -7.29
CA TYR B 179 28.36 9.73 -7.28
C TYR B 179 28.24 8.79 -8.47
N PRO B 180 28.24 9.35 -9.70
CA PRO B 180 27.93 8.48 -10.87
C PRO B 180 28.90 7.28 -11.05
N MET B 181 30.14 7.40 -10.59
CA MET B 181 31.14 6.34 -10.72
C MET B 181 30.78 5.08 -9.96
N MET B 182 29.75 5.15 -9.11
CA MET B 182 29.31 4.01 -8.25
C MET B 182 28.25 3.12 -8.89
N ARG B 183 27.66 3.61 -9.96
CA ARG B 183 26.68 2.87 -10.67
C ARG B 183 27.22 1.57 -11.16
N ARG B 184 28.42 1.62 -11.72
CA ARG B 184 29.07 0.44 -12.29
C ARG B 184 29.07 -0.73 -11.33
N ALA B 185 29.41 -0.48 -10.08
CA ALA B 185 29.38 -1.57 -9.07
C ALA B 185 28.01 -2.33 -9.06
N PHE B 186 26.89 -1.60 -8.95
CA PHE B 186 25.58 -2.30 -9.06
C PHE B 186 25.46 -3.04 -10.37
N GLU B 187 25.89 -2.42 -11.48
CA GLU B 187 25.65 -2.98 -12.81
C GLU B 187 26.37 -4.25 -13.00
N THR B 188 27.59 -4.32 -12.53
CA THR B 188 28.37 -5.53 -12.55
C THR B 188 27.67 -6.71 -11.86
N VAL B 189 27.06 -6.43 -10.71
CA VAL B 189 26.40 -7.53 -10.02
C VAL B 189 25.16 -7.91 -10.81
N ALA B 190 24.51 -6.89 -11.37
CA ALA B 190 23.26 -7.10 -12.04
C ALA B 190 23.51 -7.95 -13.28
N ILE B 191 24.59 -7.69 -14.02
CA ILE B 191 24.89 -8.41 -15.24
C ILE B 191 25.15 -9.89 -15.00
N ASP B 192 25.87 -10.20 -13.93
CA ASP B 192 26.05 -11.58 -13.51
C ASP B 192 24.71 -12.26 -13.26
N ARG B 193 23.80 -11.58 -12.58
CA ARG B 193 22.52 -12.23 -12.30
C ARG B 193 21.64 -12.37 -13.54
N LEU B 194 21.64 -11.35 -14.40
CA LEU B 194 20.90 -11.38 -15.66
C LEU B 194 21.44 -12.54 -16.54
N ASP B 195 22.75 -12.71 -16.57
CA ASP B 195 23.40 -13.80 -17.31
C ASP B 195 22.88 -15.15 -16.86
N ARG B 196 22.84 -15.38 -15.56
CA ARG B 196 22.32 -16.60 -14.97
C ARG B 196 20.89 -16.92 -15.43
N ILE B 197 20.02 -15.91 -15.53
CA ILE B 197 18.64 -16.16 -15.89
C ILE B 197 18.43 -15.95 -17.39
N GLY B 198 19.48 -15.98 -18.20
CA GLY B 198 19.29 -15.94 -19.65
C GLY B 198 18.86 -14.62 -20.26
N LYS B 199 19.13 -13.49 -19.60
CA LYS B 199 18.97 -12.21 -20.27
C LYS B 199 20.30 -11.59 -20.63
N LYS B 200 20.86 -11.93 -21.79
CA LYS B 200 22.02 -11.17 -22.28
C LYS B 200 21.66 -9.67 -22.48
N ASN B 201 22.18 -8.78 -21.60
CA ASN B 201 21.66 -7.37 -21.38
C ASN B 201 22.58 -6.11 -21.53
N SER B 202 22.46 -5.46 -22.69
CA SER B 202 23.35 -4.40 -23.14
C SER B 202 23.11 -3.10 -22.35
N ILE B 203 21.85 -2.90 -21.94
CA ILE B 203 21.44 -1.69 -21.22
C ILE B 203 22.40 -1.41 -20.05
N LEU B 204 23.09 -2.44 -19.55
CA LEU B 204 24.12 -2.29 -18.49
C LEU B 204 25.54 -2.50 -19.06
N1 6SY C . -25.51 1.89 -16.51
C2 6SY C . -24.22 4.24 -16.45
C4 6SY C . -21.94 5.63 -13.86
C5 6SY C . -22.03 7.15 -13.65
C6 6SY C . -21.21 5.18 -15.10
O2 6SY C . -20.67 7.70 -13.79
O4 6SY C . -18.23 7.55 -14.82
P 6SY C . -19.72 7.31 -15.00
O7 6SY C . -24.25 1.25 -14.80
C8 6SY C . -24.54 2.10 -15.60
C 6SY C . -25.88 2.79 -17.40
O 6SY C . -26.79 2.52 -18.21
N 6SY C . -23.85 3.31 -15.55
C1 6SY C . -25.24 4.00 -17.39
C3 6SY C . -22.84 3.58 -14.51
C7 6SY C . -21.41 3.68 -15.04
O6 6SY C . -20.50 2.99 -14.15
O1 6SY C . -23.18 4.88 -13.93
O5 6SY C . -19.89 5.64 -15.03
O3 6SY C . -20.37 7.84 -16.24
N1 6SY D . 19.85 -13.84 -8.81
C2 6SY D . 17.74 -12.31 -9.85
C4 6SY D . 15.98 -9.69 -7.82
C5 6SY D . 14.50 -9.56 -8.12
C6 6SY D . 16.85 -9.11 -8.90
O2 6SY D . 14.25 -8.18 -8.38
O4 6SY D . 14.71 -5.92 -9.24
P 6SY D . 15.10 -7.42 -9.44
O7 6SY D . 19.90 -12.49 -7.09
C8 6SY D . 19.40 -12.78 -8.16
C 6SY D . 19.26 -14.22 -9.99
O 6SY D . 19.70 -15.23 -10.60
N 6SY D . 18.32 -11.98 -8.68
C1 6SY D . 18.21 -13.47 -10.53
C3 6SY D . 17.88 -10.85 -7.86
C7 6SY D . 18.20 -9.50 -8.49
O6 6SY D . 18.82 -8.64 -7.53
O1 6SY D . 16.46 -11.03 -7.72
O5 6SY D . 16.60 -7.72 -8.98
O3 6SY D . 14.79 -8.10 -10.72
#